data_1PZI
#
_entry.id   1PZI
#
_cell.length_a   60.817
_cell.length_b   78.683
_cell.length_c   62.300
_cell.angle_alpha   90.00
_cell.angle_beta   116.20
_cell.angle_gamma   90.00
#
_symmetry.space_group_name_H-M   'P 1 21 1'
#
loop_
_entity.id
_entity.type
_entity.pdbx_description
1 polymer 'Heat-labile Enterotoxin B subunit'
2 non-polymer N-(2-MORPHOLIN-4-YL-1-MORPHOLIN-4-YLMETHYL-ETHYL)-3-NITRO-5-(3,4,5-TRIHYDROXY-6-HYDROXYMETHYL-TETRAHYDRO-PYRAN-2-YLOXY)-BENZAMIDE
3 water water
#
_entity_poly.entity_id   1
_entity_poly.type   'polypeptide(L)'
_entity_poly.pdbx_seq_one_letter_code
;APQTITELCSEYRNTQIYTINDKILSYTESMAGKREMVIITFKSGETFQVEVPGSQHIDSQKKAIERMKDTLRITYLTET
KIDKLCVWNNKTPNSIAAISMKN
;
_entity_poly.pdbx_strand_id   D,E,F,G,H
#
# COMPACT_ATOMS: atom_id res chain seq x y z
N ALA A 1 12.93 -21.45 -11.14
CA ALA A 1 13.63 -21.60 -9.83
C ALA A 1 15.00 -20.92 -9.86
N PRO A 2 15.09 -19.78 -10.55
CA PRO A 2 16.35 -19.03 -10.56
C PRO A 2 16.70 -18.57 -9.15
N GLN A 3 17.99 -18.47 -8.87
CA GLN A 3 18.49 -18.10 -7.54
C GLN A 3 18.93 -16.63 -7.51
N THR A 4 19.18 -16.05 -8.68
CA THR A 4 19.59 -14.65 -8.81
C THR A 4 18.89 -13.99 -10.00
N ILE A 5 18.95 -12.68 -10.03
CA ILE A 5 18.40 -11.91 -11.13
C ILE A 5 19.14 -12.22 -12.44
N THR A 6 20.44 -12.41 -12.37
CA THR A 6 21.22 -12.71 -13.56
C THR A 6 20.75 -14.06 -14.16
N GLU A 7 20.50 -15.05 -13.32
CA GLU A 7 20.04 -16.35 -13.82
C GLU A 7 18.66 -16.23 -14.43
N LEU A 8 17.79 -15.51 -13.72
CA LEU A 8 16.44 -15.27 -14.19
C LEU A 8 16.49 -14.58 -15.55
N CYS A 9 17.28 -13.53 -15.64
CA CYS A 9 17.39 -12.76 -16.87
C CYS A 9 17.84 -13.59 -18.07
N SER A 10 18.73 -14.55 -17.81
CA SER A 10 19.29 -15.40 -18.84
C SER A 10 18.29 -16.38 -19.45
N GLU A 11 17.12 -16.52 -18.82
CA GLU A 11 16.06 -17.42 -19.29
C GLU A 11 15.22 -16.79 -20.41
N TYR A 12 15.41 -15.50 -20.67
CA TYR A 12 14.63 -14.80 -21.68
C TYR A 12 15.49 -14.33 -22.84
N ARG A 13 14.87 -14.13 -24.00
CA ARG A 13 15.54 -13.54 -25.15
C ARG A 13 15.41 -12.03 -25.09
N ASN A 14 16.28 -11.36 -25.83
CA ASN A 14 16.27 -9.91 -25.92
C ASN A 14 16.32 -9.24 -24.57
N THR A 15 17.01 -9.85 -23.61
CA THR A 15 17.27 -9.21 -22.32
C THR A 15 18.75 -9.00 -22.09
N GLN A 16 19.06 -8.11 -21.15
CA GLN A 16 20.41 -7.96 -20.65
C GLN A 16 20.37 -7.37 -19.25
N ILE A 17 21.45 -7.58 -18.52
CA ILE A 17 21.58 -7.03 -17.18
C ILE A 17 22.32 -5.72 -17.26
N TYR A 18 21.75 -4.69 -16.63
CA TYR A 18 22.45 -3.45 -16.35
C TYR A 18 22.80 -3.44 -14.88
N THR A 19 24.08 -3.28 -14.55
CA THR A 19 24.44 -3.10 -13.17
C THR A 19 24.38 -1.61 -12.86
N ILE A 20 23.57 -1.27 -11.87
CA ILE A 20 23.25 0.12 -11.56
C ILE A 20 24.05 0.63 -10.38
N ASN A 21 23.98 -0.13 -9.28
CA ASN A 21 24.61 0.21 -8.00
C ASN A 21 24.47 1.72 -7.69
N ASP A 22 23.22 2.18 -7.77
CA ASP A 22 22.88 3.58 -7.54
C ASP A 22 21.38 3.72 -7.26
N LYS A 23 21.03 4.76 -6.51
CA LYS A 23 19.63 5.14 -6.34
C LYS A 23 19.08 5.73 -7.63
N ILE A 24 17.75 5.76 -7.75
CA ILE A 24 17.07 6.35 -8.92
C ILE A 24 17.19 7.86 -8.87
N LEU A 25 17.58 8.44 -10.01
CA LEU A 25 17.74 9.90 -10.10
C LEU A 25 16.37 10.57 -10.24
N SER A 26 15.52 10.00 -11.10
CA SER A 26 14.21 10.58 -11.34
C SER A 26 13.16 9.51 -11.63
N TYR A 27 11.94 9.81 -11.23
CA TYR A 27 10.81 8.91 -11.34
C TYR A 27 9.71 9.69 -12.04
N THR A 28 9.13 9.10 -13.07
CA THR A 28 8.10 9.76 -13.85
C THR A 28 6.94 8.79 -13.97
N GLU A 29 5.75 9.27 -13.71
CA GLU A 29 4.55 8.44 -13.68
C GLU A 29 3.47 9.12 -14.50
N SER A 30 2.83 8.36 -15.39
CA SER A 30 1.80 8.90 -16.27
C SER A 30 0.50 8.12 -16.19
N MET A 31 -0.61 8.83 -16.07
CA MET A 31 -1.96 8.26 -16.23
C MET A 31 -2.64 8.74 -17.52
N ALA A 32 -1.86 9.29 -18.45
CA ALA A 32 -2.41 9.68 -19.75
C ALA A 32 -2.77 8.42 -20.52
N GLY A 33 -3.85 8.49 -21.29
CA GLY A 33 -4.38 7.34 -21.99
C GLY A 33 -3.39 6.73 -22.97
N LYS A 34 -3.18 5.43 -22.84
CA LYS A 34 -2.25 4.68 -23.69
C LYS A 34 -0.77 4.86 -23.31
N ARG A 35 -0.52 5.67 -22.28
CA ARG A 35 0.83 5.85 -21.74
C ARG A 35 0.76 5.70 -20.22
N GLU A 36 0.03 4.71 -19.76
CA GLU A 36 -0.05 4.42 -18.34
C GLU A 36 1.21 3.65 -17.95
N MET A 37 2.25 4.40 -17.60
CA MET A 37 3.59 3.87 -17.49
C MET A 37 4.40 4.59 -16.44
N VAL A 38 5.56 4.01 -16.14
CA VAL A 38 6.57 4.63 -15.29
C VAL A 38 7.88 4.67 -16.05
N ILE A 39 8.62 5.77 -15.92
CA ILE A 39 9.96 5.90 -16.46
C ILE A 39 10.92 6.25 -15.34
N ILE A 40 12.06 5.57 -15.24
CA ILE A 40 13.10 5.95 -14.29
C ILE A 40 14.41 6.29 -15.00
N THR A 41 15.18 7.20 -14.44
CA THR A 41 16.52 7.46 -14.94
C THR A 41 17.54 7.47 -13.80
N PHE A 42 18.81 7.31 -14.17
CA PHE A 42 19.90 7.37 -13.24
C PHE A 42 20.90 8.45 -13.68
N LYS A 43 21.77 8.85 -12.74
CA LYS A 43 22.83 9.81 -12.98
C LYS A 43 23.71 9.37 -14.17
N SER A 44 23.83 8.05 -14.33
CA SER A 44 24.58 7.49 -15.44
C SER A 44 24.10 8.01 -16.79
N GLY A 45 22.84 8.43 -16.86
CA GLY A 45 22.23 8.82 -18.12
C GLY A 45 21.35 7.74 -18.70
N GLU A 46 21.25 6.61 -18.01
CA GLU A 46 20.42 5.50 -18.47
C GLU A 46 18.94 5.73 -18.11
N THR A 47 18.06 5.29 -19.02
CA THR A 47 16.63 5.49 -18.88
C THR A 47 15.89 4.16 -19.10
N PHE A 48 14.92 3.86 -18.24
CA PHE A 48 14.17 2.59 -18.31
C PHE A 48 12.68 2.77 -18.04
N GLN A 49 11.85 1.92 -18.64
CA GLN A 49 10.41 2.05 -18.48
C GLN A 49 9.80 0.74 -17.95
N VAL A 50 8.71 0.88 -17.21
CA VAL A 50 7.78 -0.23 -17.08
C VAL A 50 6.73 -0.01 -18.18
N GLU A 51 6.61 -0.95 -19.10
CA GLU A 51 5.74 -0.73 -20.24
C GLU A 51 4.27 -0.62 -19.86
N VAL A 52 3.53 0.09 -20.69
CA VAL A 52 2.07 0.06 -20.65
C VAL A 52 1.63 -1.38 -20.81
N PRO A 53 0.71 -1.86 -19.98
CA PRO A 53 0.22 -3.24 -20.11
C PRO A 53 -0.37 -3.45 -21.49
N GLY A 54 -0.05 -4.56 -22.13
CA GLY A 54 -0.58 -4.82 -23.45
C GLY A 54 -0.59 -6.29 -23.84
N SER A 55 -0.75 -6.53 -25.13
CA SER A 55 -1.00 -7.88 -25.64
C SER A 55 0.26 -8.74 -25.62
N GLN A 56 1.41 -8.11 -25.46
CA GLN A 56 2.65 -8.85 -25.23
C GLN A 56 2.69 -9.48 -23.82
N HIS A 57 1.86 -8.97 -22.91
CA HIS A 57 1.82 -9.48 -21.53
C HIS A 57 0.81 -10.62 -21.36
N ILE A 58 1.17 -11.61 -20.54
CA ILE A 58 0.22 -12.65 -20.15
C ILE A 58 -0.52 -12.24 -18.88
N ASP A 59 -1.62 -12.92 -18.61
CA ASP A 59 -2.50 -12.54 -17.51
C ASP A 59 -1.73 -12.46 -16.20
N SER A 60 -0.88 -13.45 -15.94
CA SER A 60 -0.11 -13.49 -14.70
C SER A 60 0.78 -12.25 -14.53
N GLN A 61 1.11 -11.56 -15.61
CA GLN A 61 1.97 -10.39 -15.53
C GLN A 61 1.27 -9.11 -15.09
N LYS A 62 -0.05 -9.10 -15.11
CA LYS A 62 -0.77 -7.84 -14.87
C LYS A 62 -0.55 -7.35 -13.47
N LYS A 63 -0.69 -8.24 -12.49
CA LYS A 63 -0.49 -7.85 -11.10
C LYS A 63 0.98 -7.53 -10.84
N ALA A 64 1.85 -8.26 -11.54
CA ALA A 64 3.29 -8.08 -11.42
C ALA A 64 3.73 -6.73 -11.98
N ILE A 65 3.14 -6.30 -13.09
CA ILE A 65 3.43 -4.98 -13.62
C ILE A 65 3.08 -3.90 -12.58
N GLU A 66 1.91 -4.02 -11.97
CA GLU A 66 1.49 -3.04 -10.97
C GLU A 66 2.44 -3.04 -9.77
N ARG A 67 2.90 -4.22 -9.38
CA ARG A 67 3.84 -4.36 -8.25
C ARG A 67 5.16 -3.68 -8.55
N MET A 68 5.67 -3.89 -9.76
CA MET A 68 6.96 -3.32 -10.14
C MET A 68 6.89 -1.80 -10.07
N LYS A 69 5.81 -1.21 -10.55
CA LYS A 69 5.63 0.24 -10.43
C LYS A 69 5.58 0.70 -8.97
N ASP A 70 4.91 -0.06 -8.11
CA ASP A 70 4.90 0.24 -6.67
C ASP A 70 6.30 0.24 -6.11
N THR A 71 7.08 -0.76 -6.51
CA THR A 71 8.44 -0.95 -6.03
C THR A 71 9.37 0.17 -6.48
N LEU A 72 9.25 0.58 -7.74
CA LEU A 72 10.05 1.68 -8.26
C LEU A 72 9.76 2.99 -7.50
N ARG A 73 8.48 3.27 -7.25
CA ARG A 73 8.10 4.47 -6.49
C ARG A 73 8.67 4.47 -5.07
N ILE A 74 8.48 3.38 -4.33
CA ILE A 74 8.97 3.37 -2.95
C ILE A 74 10.51 3.36 -2.93
N THR A 75 11.11 2.68 -3.90
CA THR A 75 12.54 2.69 -4.05
C THR A 75 13.05 4.11 -4.34
N TYR A 76 12.38 4.82 -5.24
CA TYR A 76 12.75 6.20 -5.50
C TYR A 76 12.67 7.03 -4.23
N LEU A 77 11.55 6.94 -3.53
CA LEU A 77 11.26 7.83 -2.41
C LEU A 77 12.22 7.62 -1.24
N THR A 78 12.70 6.41 -1.07
CA THR A 78 13.59 6.10 0.06
C THR A 78 15.04 6.14 -0.35
N GLU A 79 15.32 6.52 -1.59
CA GLU A 79 16.69 6.59 -2.09
C GLU A 79 17.40 5.26 -1.91
N THR A 80 16.69 4.17 -2.16
CA THR A 80 17.25 2.85 -2.05
C THR A 80 18.10 2.54 -3.27
N LYS A 81 19.27 1.98 -3.02
CA LYS A 81 20.22 1.59 -4.05
C LYS A 81 19.75 0.38 -4.84
N ILE A 82 19.67 0.53 -6.14
CA ILE A 82 19.34 -0.59 -7.00
C ILE A 82 20.64 -1.30 -7.33
N ASP A 83 20.62 -2.63 -7.25
CA ASP A 83 21.77 -3.44 -7.59
C ASP A 83 21.79 -3.60 -9.10
N LYS A 84 20.87 -4.43 -9.62
CA LYS A 84 20.80 -4.71 -11.04
C LYS A 84 19.37 -4.57 -11.59
N LEU A 85 19.29 -4.29 -12.88
CA LEU A 85 18.05 -4.37 -13.65
C LEU A 85 18.19 -5.38 -14.78
N CYS A 86 17.22 -6.27 -14.89
CA CYS A 86 17.06 -7.09 -16.10
C CYS A 86 16.04 -6.41 -17.00
N VAL A 87 16.46 -6.09 -18.22
CA VAL A 87 15.61 -5.32 -19.12
C VAL A 87 15.57 -5.95 -20.51
N TRP A 88 14.41 -5.82 -21.14
CA TRP A 88 14.25 -6.14 -22.56
C TRP A 88 14.87 -4.99 -23.35
N ASN A 89 15.73 -5.35 -24.32
CA ASN A 89 16.47 -4.36 -25.11
C ASN A 89 15.87 -4.20 -26.51
N ASN A 90 14.67 -4.73 -26.69
CA ASN A 90 13.93 -4.54 -27.94
C ASN A 90 12.83 -3.51 -27.80
N LYS A 91 13.02 -2.61 -26.85
CA LYS A 91 12.16 -1.47 -26.67
C LYS A 91 12.97 -0.26 -26.25
N THR A 92 12.42 0.91 -26.50
CA THR A 92 13.06 2.18 -26.20
C THR A 92 12.06 3.04 -25.45
N PRO A 93 12.37 3.43 -24.21
CA PRO A 93 13.55 2.94 -23.48
C PRO A 93 13.46 1.45 -23.17
N ASN A 94 14.59 0.86 -22.80
CA ASN A 94 14.61 -0.54 -22.42
C ASN A 94 13.58 -0.79 -21.33
N SER A 95 13.01 -1.98 -21.38
CA SER A 95 11.84 -2.30 -20.59
C SER A 95 12.22 -3.19 -19.41
N ILE A 96 11.81 -2.80 -18.22
CA ILE A 96 12.14 -3.55 -17.01
C ILE A 96 11.43 -4.91 -16.91
N ALA A 97 12.23 -5.95 -16.83
CA ALA A 97 11.77 -7.30 -16.53
C ALA A 97 11.93 -7.66 -15.05
N ALA A 98 13.03 -7.21 -14.44
CA ALA A 98 13.28 -7.54 -13.06
C ALA A 98 14.26 -6.53 -12.44
N ILE A 99 14.23 -6.48 -11.11
CA ILE A 99 15.04 -5.52 -10.36
C ILE A 99 15.63 -6.28 -9.19
N SER A 100 16.82 -5.88 -8.75
CA SER A 100 17.36 -6.33 -7.49
C SER A 100 17.94 -5.15 -6.73
N MET A 101 17.89 -5.23 -5.41
CA MET A 101 18.40 -4.19 -4.55
C MET A 101 19.28 -4.85 -3.52
N LYS A 102 20.43 -4.26 -3.23
CA LYS A 102 21.39 -4.88 -2.35
C LYS A 102 21.89 -3.85 -1.33
N ASN A 103 21.76 -4.19 -0.05
CA ASN A 103 22.23 -3.34 1.04
C ASN A 103 22.02 -4.05 2.38
N ALA B 1 -6.40 -22.52 16.22
CA ALA B 1 -5.33 -22.19 15.25
C ALA B 1 -3.98 -22.18 15.94
N PRO B 2 -2.90 -22.36 15.17
CA PRO B 2 -1.53 -22.29 15.72
C PRO B 2 -1.23 -21.00 16.47
N GLN B 3 -0.22 -21.03 17.33
CA GLN B 3 0.16 -19.84 18.10
C GLN B 3 1.58 -19.37 17.80
N THR B 4 2.32 -20.15 17.03
CA THR B 4 3.68 -19.80 16.63
C THR B 4 3.98 -20.33 15.23
N ILE B 5 5.06 -19.84 14.64
CA ILE B 5 5.45 -20.28 13.29
C ILE B 5 5.87 -21.76 13.26
N THR B 6 6.53 -22.21 14.31
CA THR B 6 6.98 -23.60 14.38
C THR B 6 5.78 -24.53 14.42
N GLU B 7 4.78 -24.20 15.23
CA GLU B 7 3.56 -25.00 15.30
C GLU B 7 2.87 -25.06 13.93
N LEU B 8 2.79 -23.90 13.28
CA LEU B 8 2.16 -23.80 11.97
C LEU B 8 2.94 -24.61 10.96
N CYS B 9 4.26 -24.43 10.96
CA CYS B 9 5.14 -25.07 10.01
C CYS B 9 5.07 -26.59 10.08
N SER B 10 4.82 -27.10 11.28
CA SER B 10 4.79 -28.54 11.52
C SER B 10 3.47 -29.20 11.10
N GLU B 11 2.53 -28.41 10.59
CA GLU B 11 1.26 -28.95 10.13
C GLU B 11 1.40 -29.41 8.68
N TYR B 12 2.54 -29.12 8.06
CA TYR B 12 2.75 -29.35 6.63
C TYR B 12 3.93 -30.26 6.34
N ARG B 13 3.78 -31.07 5.31
CA ARG B 13 4.87 -31.92 4.84
C ARG B 13 5.89 -31.11 4.03
N ASN B 14 7.13 -31.58 4.04
CA ASN B 14 8.23 -30.98 3.29
C ASN B 14 8.55 -29.58 3.74
N THR B 15 8.42 -29.32 5.03
CA THR B 15 8.78 -28.01 5.54
C THR B 15 9.90 -28.12 6.54
N GLN B 16 10.50 -26.98 6.84
CA GLN B 16 11.38 -26.86 7.98
C GLN B 16 11.48 -25.39 8.37
N ILE B 17 11.93 -25.15 9.60
CA ILE B 17 12.17 -23.81 10.11
C ILE B 17 13.62 -23.44 9.88
N TYR B 18 13.85 -22.28 9.26
CA TYR B 18 15.17 -21.70 9.21
C TYR B 18 15.23 -20.58 10.25
N THR B 19 16.27 -20.55 11.06
CA THR B 19 16.49 -19.43 11.98
C THR B 19 17.39 -18.40 11.31
N ILE B 20 16.83 -17.25 10.98
CA ILE B 20 17.55 -16.26 10.19
C ILE B 20 18.22 -15.21 11.08
N ASN B 21 17.46 -14.66 12.01
CA ASN B 21 17.99 -13.68 12.95
C ASN B 21 18.85 -12.69 12.20
N ASP B 22 18.28 -12.03 11.19
CA ASP B 22 19.04 -11.13 10.35
C ASP B 22 18.10 -10.40 9.41
N LYS B 23 18.52 -9.21 8.98
CA LYS B 23 17.80 -8.49 7.94
C LYS B 23 18.15 -9.08 6.59
N ILE B 24 17.37 -8.71 5.59
CA ILE B 24 17.56 -9.24 4.25
C ILE B 24 18.74 -8.54 3.60
N LEU B 25 19.62 -9.32 2.97
CA LEU B 25 20.78 -8.76 2.27
C LEU B 25 20.36 -8.21 0.91
N SER B 26 19.65 -9.01 0.12
CA SER B 26 19.19 -8.56 -1.19
C SER B 26 17.76 -9.00 -1.47
N TYR B 27 17.08 -8.17 -2.26
CA TYR B 27 15.71 -8.40 -2.65
C TYR B 27 15.66 -8.35 -4.15
N THR B 28 15.02 -9.36 -4.74
CA THR B 28 14.92 -9.45 -6.18
C THR B 28 13.45 -9.63 -6.57
N GLU B 29 13.02 -8.91 -7.59
CA GLU B 29 11.61 -8.92 -7.98
C GLU B 29 11.52 -8.99 -9.49
N SER B 30 10.73 -9.92 -9.99
CA SER B 30 10.54 -10.15 -11.41
C SER B 30 9.07 -10.10 -11.84
N MET B 31 8.79 -9.36 -12.91
CA MET B 31 7.51 -9.38 -13.58
C MET B 31 7.57 -10.11 -14.93
N ALA B 32 8.65 -10.86 -15.16
CA ALA B 32 8.84 -11.58 -16.42
C ALA B 32 7.85 -12.75 -16.44
N GLY B 33 7.31 -13.02 -17.62
CA GLY B 33 6.32 -14.06 -17.82
C GLY B 33 6.77 -15.38 -17.26
N LYS B 34 5.93 -15.95 -16.38
CA LYS B 34 6.16 -17.24 -15.76
C LYS B 34 7.28 -17.22 -14.73
N ARG B 35 7.73 -16.02 -14.39
CA ARG B 35 8.69 -15.86 -13.31
C ARG B 35 8.30 -14.66 -12.46
N GLU B 36 6.99 -14.47 -12.30
CA GLU B 36 6.45 -13.42 -11.46
C GLU B 36 6.65 -13.82 -10.01
N MET B 37 7.77 -13.37 -9.41
CA MET B 37 8.25 -13.91 -8.16
C MET B 37 9.19 -12.97 -7.43
N VAL B 38 9.50 -13.31 -6.19
CA VAL B 38 10.45 -12.58 -5.36
C VAL B 38 11.49 -13.55 -4.82
N ILE B 39 12.74 -13.10 -4.80
CA ILE B 39 13.86 -13.87 -4.25
C ILE B 39 14.59 -12.99 -3.25
N ILE B 40 14.82 -13.49 -2.05
CA ILE B 40 15.63 -12.80 -1.05
C ILE B 40 16.84 -13.62 -0.68
N THR B 41 17.92 -12.95 -0.31
CA THR B 41 19.10 -13.63 0.20
C THR B 41 19.53 -12.97 1.47
N PHE B 42 20.43 -13.65 2.18
CA PHE B 42 21.01 -13.16 3.43
C PHE B 42 22.56 -13.23 3.40
N LYS B 43 23.18 -12.44 4.27
CA LYS B 43 24.61 -12.48 4.58
C LYS B 43 25.16 -13.89 4.58
N SER B 44 24.38 -14.79 5.18
CA SER B 44 24.73 -16.18 5.38
C SER B 44 24.99 -16.93 4.10
N GLY B 45 24.45 -16.43 2.99
CA GLY B 45 24.50 -17.14 1.71
C GLY B 45 23.21 -17.88 1.39
N GLU B 46 22.26 -17.88 2.33
CA GLU B 46 20.97 -18.55 2.11
C GLU B 46 20.10 -17.73 1.16
N THR B 47 19.26 -18.43 0.41
CA THR B 47 18.43 -17.85 -0.62
C THR B 47 17.03 -18.46 -0.57
N PHE B 48 16.01 -17.61 -0.67
CA PHE B 48 14.62 -18.07 -0.59
C PHE B 48 13.75 -17.39 -1.63
N GLN B 49 12.68 -18.06 -2.04
CA GLN B 49 11.72 -17.52 -2.99
C GLN B 49 10.29 -17.51 -2.46
N VAL B 50 9.50 -16.58 -2.97
CA VAL B 50 8.05 -16.73 -2.96
C VAL B 50 7.77 -17.19 -4.38
N GLU B 51 7.11 -18.33 -4.50
CA GLU B 51 6.89 -18.96 -5.80
C GLU B 51 5.92 -18.21 -6.70
N VAL B 52 6.18 -18.28 -8.00
CA VAL B 52 5.17 -17.98 -9.00
C VAL B 52 3.89 -18.69 -8.58
N PRO B 53 2.73 -18.03 -8.64
CA PRO B 53 1.47 -18.73 -8.38
C PRO B 53 1.21 -19.80 -9.42
N GLY B 54 0.66 -20.92 -8.97
CA GLY B 54 0.39 -22.03 -9.87
C GLY B 54 -0.61 -22.99 -9.26
N SER B 55 -0.69 -24.18 -9.86
CA SER B 55 -1.68 -25.17 -9.52
C SER B 55 -1.51 -25.78 -8.12
N GLN B 56 -0.32 -25.68 -7.57
CA GLN B 56 -0.04 -26.18 -6.21
C GLN B 56 -0.70 -25.31 -5.13
N HIS B 57 -1.04 -24.09 -5.51
CA HIS B 57 -1.71 -23.16 -4.64
C HIS B 57 -3.22 -23.22 -4.80
N ILE B 58 -3.94 -23.17 -3.69
CA ILE B 58 -5.40 -23.07 -3.70
C ILE B 58 -5.79 -21.59 -3.69
N ASP B 59 -7.06 -21.31 -4.01
CA ASP B 59 -7.56 -19.93 -4.18
C ASP B 59 -7.16 -19.03 -3.01
N SER B 60 -7.41 -19.56 -1.83
CA SER B 60 -7.12 -18.91 -0.57
C SER B 60 -5.72 -18.32 -0.54
N GLN B 61 -4.77 -19.01 -1.14
CA GLN B 61 -3.37 -18.61 -1.04
C GLN B 61 -3.01 -17.44 -1.94
N LYS B 62 -3.77 -17.23 -3.01
CA LYS B 62 -3.46 -16.17 -3.98
C LYS B 62 -3.18 -14.82 -3.33
N LYS B 63 -4.13 -14.35 -2.50
CA LYS B 63 -4.01 -13.04 -1.86
C LYS B 63 -2.86 -13.06 -0.88
N ALA B 64 -2.66 -14.21 -0.24
CA ALA B 64 -1.62 -14.33 0.76
C ALA B 64 -0.23 -14.30 0.10
N ILE B 65 -0.12 -14.87 -1.10
CA ILE B 65 1.13 -14.80 -1.85
C ILE B 65 1.48 -13.34 -2.16
N GLU B 66 0.49 -12.57 -2.59
CA GLU B 66 0.70 -11.15 -2.87
C GLU B 66 1.08 -10.38 -1.60
N ARG B 67 0.45 -10.71 -0.48
CA ARG B 67 0.82 -10.09 0.81
C ARG B 67 2.25 -10.44 1.22
N MET B 68 2.64 -11.70 1.08
CA MET B 68 3.97 -12.14 1.47
C MET B 68 5.03 -11.33 0.72
N LYS B 69 4.83 -11.15 -0.59
CA LYS B 69 5.76 -10.34 -1.37
C LYS B 69 5.74 -8.89 -0.91
N ASP B 70 4.57 -8.37 -0.59
CA ASP B 70 4.48 -7.05 0.03
C ASP B 70 5.34 -7.02 1.29
N THR B 71 5.18 -8.03 2.13
CA THR B 71 5.88 -8.04 3.40
C THR B 71 7.39 -8.08 3.21
N LEU B 72 7.86 -8.89 2.26
CA LEU B 72 9.30 -9.01 2.03
C LEU B 72 9.92 -7.69 1.54
N ARG B 73 9.21 -6.98 0.68
CA ARG B 73 9.67 -5.69 0.19
C ARG B 73 9.84 -4.68 1.33
N ILE B 74 8.78 -4.45 2.10
CA ILE B 74 8.86 -3.47 3.19
C ILE B 74 9.85 -3.89 4.28
N THR B 75 9.98 -5.19 4.47
CA THR B 75 10.95 -5.73 5.41
C THR B 75 12.38 -5.45 4.94
N TYR B 76 12.65 -5.63 3.63
CA TYR B 76 13.97 -5.32 3.10
C TYR B 76 14.26 -3.84 3.25
N LEU B 77 13.30 -3.00 2.92
CA LEU B 77 13.53 -1.57 2.85
C LEU B 77 13.73 -0.92 4.21
N THR B 78 13.14 -1.50 5.24
CA THR B 78 13.24 -0.93 6.58
C THR B 78 14.39 -1.55 7.36
N GLU B 79 15.11 -2.47 6.71
CA GLU B 79 16.17 -3.25 7.33
C GLU B 79 15.68 -3.99 8.59
N THR B 80 14.50 -4.57 8.49
CA THR B 80 13.88 -5.25 9.63
C THR B 80 14.42 -6.67 9.80
N LYS B 81 14.65 -7.04 11.05
CA LYS B 81 15.22 -8.34 11.36
C LYS B 81 14.15 -9.42 11.24
N ILE B 82 14.45 -10.44 10.44
CA ILE B 82 13.59 -11.62 10.36
C ILE B 82 14.04 -12.60 11.42
N ASP B 83 13.10 -13.14 12.18
CA ASP B 83 13.41 -14.17 13.17
C ASP B 83 13.52 -15.50 12.43
N LYS B 84 12.37 -16.06 12.05
CA LYS B 84 12.34 -17.37 11.41
C LYS B 84 11.67 -17.33 10.05
N LEU B 85 11.97 -18.32 9.22
CA LEU B 85 11.21 -18.62 8.03
C LEU B 85 10.76 -20.07 8.08
N CYS B 86 9.47 -20.31 7.86
CA CYS B 86 8.98 -21.66 7.56
C CYS B 86 9.07 -21.81 6.06
N VAL B 87 9.75 -22.86 5.59
CA VAL B 87 9.97 -23.00 4.16
C VAL B 87 9.70 -24.41 3.64
N TRP B 88 9.14 -24.51 2.45
CA TRP B 88 9.07 -25.82 1.76
C TRP B 88 10.44 -26.12 1.18
N ASN B 89 11.03 -27.23 1.62
CA ASN B 89 12.37 -27.62 1.19
C ASN B 89 12.40 -28.54 -0.04
N ASN B 90 11.24 -28.81 -0.63
CA ASN B 90 11.19 -29.56 -1.89
C ASN B 90 11.24 -28.64 -3.13
N LYS B 91 11.75 -27.42 -2.92
CA LYS B 91 12.00 -26.47 -4.00
C LYS B 91 13.34 -25.76 -3.77
N THR B 92 13.93 -25.29 -4.87
CA THR B 92 15.17 -24.52 -4.81
C THR B 92 15.03 -23.25 -5.66
N PRO B 93 15.24 -22.07 -5.07
CA PRO B 93 15.56 -21.93 -3.63
C PRO B 93 14.38 -22.42 -2.82
N ASN B 94 14.56 -22.69 -1.53
CA ASN B 94 13.43 -23.11 -0.70
C ASN B 94 12.35 -21.99 -0.72
N SER B 95 11.07 -22.38 -0.67
CA SER B 95 9.95 -21.45 -0.84
C SER B 95 9.27 -21.11 0.46
N ILE B 96 9.08 -19.82 0.68
CA ILE B 96 8.53 -19.32 1.91
C ILE B 96 7.05 -19.69 2.06
N ALA B 97 6.76 -20.38 3.16
CA ALA B 97 5.40 -20.63 3.62
C ALA B 97 4.97 -19.63 4.68
N ALA B 98 5.93 -19.16 5.48
CA ALA B 98 5.61 -18.21 6.53
C ALA B 98 6.85 -17.50 7.04
N ILE B 99 6.62 -16.34 7.62
CA ILE B 99 7.70 -15.52 8.16
C ILE B 99 7.34 -15.11 9.57
N SER B 100 8.35 -14.91 10.39
CA SER B 100 8.16 -14.29 11.69
C SER B 100 9.27 -13.27 11.91
N MET B 101 8.94 -12.25 12.70
CA MET B 101 9.87 -11.17 13.03
C MET B 101 9.66 -10.82 14.50
N LYS B 102 10.75 -10.54 15.20
CA LYS B 102 10.72 -10.29 16.65
C LYS B 102 11.39 -8.96 17.02
N ASN B 103 10.79 -8.24 17.96
CA ASN B 103 11.21 -6.93 18.48
C ASN B 103 10.57 -5.73 17.74
N ALA C 1 -21.33 4.16 14.12
CA ALA C 1 -21.91 5.04 15.17
C ALA C 1 -21.44 4.80 16.60
N PRO C 2 -20.87 3.64 16.91
CA PRO C 2 -20.03 3.54 18.11
C PRO C 2 -18.96 4.64 18.08
N GLN C 3 -18.56 5.16 19.24
CA GLN C 3 -17.60 6.25 19.32
C GLN C 3 -16.25 5.84 19.91
N THR C 4 -16.21 4.67 20.55
CA THR C 4 -14.99 4.10 21.09
C THR C 4 -14.91 2.63 20.73
N ILE C 5 -13.74 2.05 20.85
CA ILE C 5 -13.57 0.62 20.64
C ILE C 5 -14.37 -0.19 21.67
N THR C 6 -14.55 0.35 22.87
CA THR C 6 -15.24 -0.40 23.94
C THR C 6 -16.73 -0.49 23.65
N GLU C 7 -17.31 0.61 23.20
CA GLU C 7 -18.70 0.65 22.77
C GLU C 7 -18.94 -0.36 21.65
N LEU C 8 -18.07 -0.29 20.66
CA LEU C 8 -18.16 -1.16 19.49
C LEU C 8 -18.10 -2.63 19.90
N CYS C 9 -17.14 -2.95 20.75
CA CYS C 9 -16.88 -4.31 21.18
C CYS C 9 -18.08 -4.91 21.93
N SER C 10 -18.73 -4.08 22.74
CA SER C 10 -19.88 -4.47 23.56
C SER C 10 -21.12 -4.86 22.74
N GLU C 11 -21.13 -4.50 21.45
CA GLU C 11 -22.28 -4.78 20.60
C GLU C 11 -22.30 -6.24 20.18
N TYR C 12 -21.23 -6.99 20.48
CA TYR C 12 -21.11 -8.35 19.99
C TYR C 12 -21.02 -9.34 21.13
N ARG C 13 -21.43 -10.57 20.84
CA ARG C 13 -21.28 -11.65 21.80
C ARG C 13 -19.89 -12.24 21.69
N ASN C 14 -19.48 -12.93 22.74
CA ASN C 14 -18.20 -13.60 22.80
C ASN C 14 -17.00 -12.68 22.50
N THR C 15 -17.05 -11.43 22.99
CA THR C 15 -15.90 -10.52 22.88
C THR C 15 -15.53 -9.91 24.22
N GLN C 16 -14.33 -9.38 24.28
CA GLN C 16 -13.89 -8.56 25.42
C GLN C 16 -12.74 -7.69 24.96
N ILE C 17 -12.48 -6.64 25.74
CA ILE C 17 -11.36 -5.75 25.49
C ILE C 17 -10.12 -6.23 26.23
N TYR C 18 -8.99 -6.28 25.52
CA TYR C 18 -7.71 -6.43 26.17
C TYR C 18 -7.01 -5.09 26.10
N THR C 19 -6.63 -4.57 27.25
CA THR C 19 -5.85 -3.34 27.27
C THR C 19 -4.39 -3.73 27.18
N ILE C 20 -3.76 -3.39 26.07
CA ILE C 20 -2.41 -3.82 25.77
C ILE C 20 -1.40 -2.76 26.21
N ASN C 21 -1.63 -1.54 25.75
CA ASN C 21 -0.75 -0.41 25.97
C ASN C 21 0.70 -0.78 25.70
N ASP C 22 0.99 -1.30 24.51
CA ASP C 22 2.33 -1.81 24.22
C ASP C 22 2.50 -2.10 22.74
N LYS C 23 3.74 -2.02 22.27
CA LYS C 23 4.02 -2.35 20.89
C LYS C 23 3.99 -3.85 20.74
N ILE C 24 3.82 -4.32 19.51
CA ILE C 24 3.84 -5.74 19.20
C ILE C 24 5.26 -6.27 19.40
N LEU C 25 5.37 -7.41 20.07
CA LEU C 25 6.63 -8.09 20.27
C LEU C 25 7.03 -8.97 19.08
N SER C 26 6.09 -9.73 18.54
CA SER C 26 6.39 -10.56 17.36
C SER C 26 5.23 -10.57 16.38
N TYR C 27 5.57 -10.64 15.10
CA TYR C 27 4.61 -10.64 14.01
C TYR C 27 4.92 -11.87 13.18
N THR C 28 3.89 -12.67 12.94
CA THR C 28 4.00 -13.88 12.13
C THR C 28 2.94 -13.85 11.05
N GLU C 29 3.32 -14.23 9.84
CA GLU C 29 2.40 -14.22 8.72
C GLU C 29 2.55 -15.51 7.94
N SER C 30 1.44 -16.13 7.56
CA SER C 30 1.49 -17.38 6.84
C SER C 30 0.69 -17.31 5.55
N MET C 31 1.28 -17.83 4.46
CA MET C 31 0.59 -18.02 3.19
C MET C 31 0.39 -19.50 2.89
N ALA C 32 0.58 -20.33 3.90
CA ALA C 32 0.33 -21.76 3.78
C ALA C 32 -1.18 -22.02 3.65
N GLY C 33 -1.52 -23.06 2.89
CA GLY C 33 -2.89 -23.32 2.56
C GLY C 33 -3.71 -23.64 3.78
N LYS C 34 -4.88 -23.00 3.89
CA LYS C 34 -5.81 -23.18 5.00
C LYS C 34 -5.35 -22.49 6.27
N ARG C 35 -4.17 -21.87 6.22
CA ARG C 35 -3.63 -21.15 7.37
C ARG C 35 -3.14 -19.76 6.94
N GLU C 36 -3.93 -19.10 6.11
CA GLU C 36 -3.56 -17.79 5.60
C GLU C 36 -3.91 -16.75 6.65
N MET C 37 -2.96 -16.46 7.53
CA MET C 37 -3.27 -15.73 8.73
C MET C 37 -2.09 -14.93 9.25
N VAL C 38 -2.38 -14.13 10.26
CA VAL C 38 -1.37 -13.35 10.95
C VAL C 38 -1.52 -13.62 12.45
N ILE C 39 -0.39 -13.73 13.13
CA ILE C 39 -0.36 -13.96 14.58
C ILE C 39 0.50 -12.89 15.17
N ILE C 40 0.01 -12.24 16.22
CA ILE C 40 0.85 -11.32 16.95
C ILE C 40 0.96 -11.76 18.40
N THR C 41 2.08 -11.38 19.03
CA THR C 41 2.29 -11.62 20.44
C THR C 41 2.83 -10.36 21.11
N PHE C 42 2.63 -10.28 22.42
CA PHE C 42 3.13 -9.19 23.24
C PHE C 42 3.96 -9.75 24.38
N LYS C 43 4.77 -8.88 24.98
CA LYS C 43 5.72 -9.26 26.01
C LYS C 43 4.99 -9.85 27.22
N SER C 44 3.73 -9.45 27.38
CA SER C 44 2.85 -9.96 28.44
C SER C 44 2.60 -11.45 28.33
N GLY C 45 2.80 -12.02 27.14
CA GLY C 45 2.52 -13.42 26.90
C GLY C 45 1.29 -13.66 26.05
N GLU C 46 0.54 -12.61 25.78
CA GLU C 46 -0.71 -12.69 25.04
C GLU C 46 -0.47 -12.93 23.55
N THR C 47 -1.16 -13.92 23.00
CA THR C 47 -1.15 -14.20 21.58
C THR C 47 -2.53 -13.95 20.98
N PHE C 48 -2.57 -13.28 19.81
CA PHE C 48 -3.82 -13.01 19.09
C PHE C 48 -3.66 -13.27 17.59
N GLN C 49 -4.77 -13.61 16.92
CA GLN C 49 -4.75 -13.88 15.49
C GLN C 49 -5.72 -13.00 14.74
N VAL C 50 -5.45 -12.85 13.44
CA VAL C 50 -6.46 -12.45 12.49
C VAL C 50 -6.78 -13.78 11.82
N GLU C 51 -8.06 -14.17 11.83
CA GLU C 51 -8.41 -15.52 11.42
C GLU C 51 -8.34 -15.66 9.93
N VAL C 52 -8.10 -16.89 9.51
CA VAL C 52 -8.27 -17.26 8.12
C VAL C 52 -9.69 -16.85 7.75
N PRO C 53 -9.88 -16.23 6.58
CA PRO C 53 -11.22 -15.87 6.12
C PRO C 53 -12.05 -17.13 5.95
N GLY C 54 -13.28 -17.11 6.46
CA GLY C 54 -14.10 -18.31 6.45
C GLY C 54 -15.59 -18.03 6.42
N SER C 55 -16.36 -19.11 6.53
CA SER C 55 -17.83 -19.07 6.46
C SER C 55 -18.48 -18.24 7.55
N GLN C 56 -17.77 -18.00 8.64
CA GLN C 56 -18.30 -17.18 9.74
C GLN C 56 -18.26 -15.69 9.43
N HIS C 57 -17.52 -15.33 8.38
CA HIS C 57 -17.33 -13.93 7.98
C HIS C 57 -18.37 -13.57 6.97
N ILE C 58 -18.90 -12.37 7.06
CA ILE C 58 -19.82 -11.89 6.04
C ILE C 58 -19.02 -11.11 5.01
N ASP C 59 -19.65 -10.85 3.87
CA ASP C 59 -18.96 -10.37 2.69
C ASP C 59 -18.22 -9.06 2.92
N SER C 60 -18.86 -8.18 3.69
CA SER C 60 -18.30 -6.87 4.00
C SER C 60 -17.03 -6.96 4.82
N GLN C 61 -16.83 -8.08 5.50
CA GLN C 61 -15.69 -8.29 6.40
C GLN C 61 -14.43 -8.69 5.64
N LYS C 62 -14.58 -9.16 4.41
CA LYS C 62 -13.45 -9.68 3.66
C LYS C 62 -12.35 -8.64 3.42
N LYS C 63 -12.72 -7.45 2.97
CA LYS C 63 -11.74 -6.37 2.79
C LYS C 63 -11.20 -5.92 4.14
N ALA C 64 -12.06 -5.94 5.15
CA ALA C 64 -11.71 -5.50 6.49
C ALA C 64 -10.67 -6.42 7.13
N ILE C 65 -10.80 -7.71 6.87
CA ILE C 65 -9.80 -8.69 7.28
C ILE C 65 -8.44 -8.33 6.66
N GLU C 66 -8.43 -8.09 5.35
CA GLU C 66 -7.18 -7.75 4.68
C GLU C 66 -6.60 -6.44 5.23
N ARG C 67 -7.46 -5.47 5.50
CA ARG C 67 -7.02 -4.20 6.11
C ARG C 67 -6.36 -4.42 7.48
N MET C 68 -6.99 -5.21 8.34
CA MET C 68 -6.48 -5.46 9.68
C MET C 68 -5.08 -6.05 9.63
N LYS C 69 -4.87 -7.02 8.75
CA LYS C 69 -3.54 -7.60 8.52
C LYS C 69 -2.53 -6.52 8.06
N ASP C 70 -2.95 -5.65 7.15
CA ASP C 70 -2.09 -4.54 6.72
C ASP C 70 -1.72 -3.71 7.93
N THR C 71 -2.69 -3.43 8.78
CA THR C 71 -2.50 -2.53 9.91
C THR C 71 -1.53 -3.10 10.92
N LEU C 72 -1.68 -4.39 11.21
CA LEU C 72 -0.84 -5.04 12.21
C LEU C 72 0.60 -5.10 11.73
N ARG C 73 0.80 -5.30 10.43
CA ARG C 73 2.15 -5.33 9.87
C ARG C 73 2.84 -4.00 10.03
N ILE C 74 2.23 -2.91 9.57
CA ILE C 74 2.87 -1.59 9.68
C ILE C 74 2.96 -1.10 11.13
N THR C 75 2.00 -1.51 11.96
CA THR C 75 2.08 -1.26 13.39
C THR C 75 3.29 -1.96 14.01
N TYR C 76 3.51 -3.22 13.64
CA TYR C 76 4.67 -3.97 14.14
C TYR C 76 5.97 -3.29 13.72
N LEU C 77 6.03 -2.91 12.44
CA LEU C 77 7.26 -2.42 11.84
C LEU C 77 7.63 -1.04 12.38
N THR C 78 6.63 -0.24 12.75
CA THR C 78 6.89 1.10 13.25
C THR C 78 6.99 1.14 14.77
N GLU C 79 6.95 -0.03 15.41
CA GLU C 79 6.98 -0.13 16.87
C GLU C 79 5.86 0.69 17.51
N THR C 80 4.71 0.73 16.84
CA THR C 80 3.62 1.57 17.29
C THR C 80 2.88 0.89 18.45
N LYS C 81 2.61 1.66 19.51
CA LYS C 81 1.90 1.16 20.69
C LYS C 81 0.43 0.95 20.39
N ILE C 82 -0.04 -0.27 20.64
CA ILE C 82 -1.45 -0.59 20.54
C ILE C 82 -2.10 -0.32 21.88
N ASP C 83 -3.23 0.38 21.86
CA ASP C 83 -3.93 0.67 23.10
C ASP C 83 -4.76 -0.53 23.50
N LYS C 84 -5.85 -0.76 22.78
CA LYS C 84 -6.77 -1.83 23.10
C LYS C 84 -7.01 -2.76 21.90
N LEU C 85 -7.35 -4.00 22.21
CA LEU C 85 -7.87 -4.91 21.18
C LEU C 85 -9.24 -5.37 21.62
N CYS C 86 -10.19 -5.36 20.69
CA CYS C 86 -11.43 -6.05 20.89
C CYS C 86 -11.23 -7.42 20.25
N VAL C 87 -11.44 -8.48 21.01
CA VAL C 87 -11.22 -9.83 20.50
C VAL C 87 -12.39 -10.74 20.71
N TRP C 88 -12.53 -11.73 19.83
CA TRP C 88 -13.43 -12.82 20.10
C TRP C 88 -12.67 -13.81 20.96
N ASN C 89 -13.28 -14.19 22.09
CA ASN C 89 -12.65 -15.09 23.06
C ASN C 89 -13.05 -16.56 22.91
N ASN C 90 -13.83 -16.87 21.88
CA ASN C 90 -14.24 -18.24 21.59
C ASN C 90 -13.36 -18.90 20.52
N LYS C 91 -12.16 -18.36 20.35
CA LYS C 91 -11.19 -18.89 19.40
C LYS C 91 -9.82 -18.87 20.05
N THR C 92 -8.95 -19.79 19.62
CA THR C 92 -7.61 -19.91 20.15
C THR C 92 -6.59 -19.88 19.00
N PRO C 93 -5.69 -18.90 19.00
CA PRO C 93 -5.72 -17.79 19.96
C PRO C 93 -6.89 -16.85 19.73
N ASN C 94 -7.14 -15.96 20.68
CA ASN C 94 -8.24 -15.01 20.56
C ASN C 94 -8.10 -14.25 19.24
N SER C 95 -9.24 -13.96 18.61
CA SER C 95 -9.31 -13.42 17.26
C SER C 95 -9.60 -11.91 17.29
N ILE C 96 -8.89 -11.13 16.50
CA ILE C 96 -9.04 -9.67 16.54
C ILE C 96 -10.28 -9.20 15.77
N ALA C 97 -11.17 -8.48 16.46
CA ALA C 97 -12.30 -7.78 15.86
C ALA C 97 -12.02 -6.30 15.60
N ALA C 98 -11.22 -5.70 16.48
CA ALA C 98 -10.92 -4.30 16.33
C ALA C 98 -9.68 -3.98 17.13
N ILE C 99 -9.06 -2.84 16.79
CA ILE C 99 -7.81 -2.42 17.39
C ILE C 99 -7.89 -0.92 17.62
N SER C 100 -7.21 -0.43 18.65
CA SER C 100 -7.09 1.02 18.84
C SER C 100 -5.67 1.35 19.21
N MET C 101 -5.22 2.54 18.84
CA MET C 101 -3.90 3.04 19.20
C MET C 101 -4.02 4.52 19.53
N LYS C 102 -3.25 4.95 20.52
CA LYS C 102 -3.33 6.32 21.02
C LYS C 102 -1.95 6.93 21.05
N ASN C 103 -1.88 8.24 20.80
CA ASN C 103 -0.61 8.96 20.66
C ASN C 103 -0.68 10.23 21.49
N ALA D 1 -14.24 21.94 -11.44
CA ALA D 1 -14.30 21.23 -10.13
C ALA D 1 -13.84 22.17 -9.02
N PRO D 2 -14.18 21.85 -7.78
CA PRO D 2 -13.76 22.66 -6.62
C PRO D 2 -12.26 22.79 -6.53
N GLN D 3 -11.79 23.87 -5.92
CA GLN D 3 -10.36 24.13 -5.79
C GLN D 3 -9.90 24.09 -4.34
N THR D 4 -10.86 24.08 -3.41
CA THR D 4 -10.55 23.88 -1.99
C THR D 4 -11.56 22.96 -1.35
N ILE D 5 -11.23 22.47 -0.16
CA ILE D 5 -12.09 21.59 0.61
C ILE D 5 -13.38 22.29 1.01
N THR D 6 -13.30 23.58 1.33
CA THR D 6 -14.50 24.31 1.71
C THR D 6 -15.48 24.49 0.54
N GLU D 7 -14.94 24.73 -0.65
CA GLU D 7 -15.79 24.87 -1.82
C GLU D 7 -16.50 23.53 -2.04
N LEU D 8 -15.76 22.45 -1.87
CA LEU D 8 -16.27 21.11 -2.13
C LEU D 8 -17.34 20.76 -1.11
N CYS D 9 -17.06 21.05 0.15
CA CYS D 9 -17.98 20.82 1.26
C CYS D 9 -19.32 21.53 1.10
N SER D 10 -19.29 22.73 0.53
CA SER D 10 -20.49 23.55 0.41
C SER D 10 -21.41 23.08 -0.69
N GLU D 11 -20.93 22.16 -1.53
CA GLU D 11 -21.75 21.54 -2.57
C GLU D 11 -22.74 20.55 -1.96
N TYR D 12 -22.58 20.25 -0.67
CA TYR D 12 -23.35 19.17 -0.06
C TYR D 12 -24.17 19.65 1.13
N ARG D 13 -25.31 19.01 1.31
CA ARG D 13 -26.17 19.24 2.46
C ARG D 13 -25.64 18.47 3.65
N ASN D 14 -26.00 18.92 4.84
CA ASN D 14 -25.65 18.25 6.10
C ASN D 14 -24.14 18.18 6.34
N THR D 15 -23.42 19.23 5.95
CA THR D 15 -21.97 19.28 6.14
C THR D 15 -21.52 20.52 6.89
N GLN D 16 -20.32 20.43 7.43
CA GLN D 16 -19.60 21.58 7.97
C GLN D 16 -18.11 21.27 7.93
N ILE D 17 -17.33 22.33 8.01
CA ILE D 17 -15.90 22.22 8.04
C ILE D 17 -15.48 22.33 9.49
N TYR D 18 -14.75 21.34 9.97
CA TYR D 18 -14.01 21.47 11.22
C TYR D 18 -12.57 21.82 10.85
N THR D 19 -12.06 22.90 11.45
CA THR D 19 -10.66 23.25 11.36
C THR D 19 -9.95 22.52 12.48
N ILE D 20 -9.13 21.54 12.13
CA ILE D 20 -8.46 20.69 13.10
C ILE D 20 -7.11 21.25 13.54
N ASN D 21 -6.25 21.51 12.56
CA ASN D 21 -4.89 22.00 12.80
C ASN D 21 -4.14 21.17 13.86
N ASP D 22 -4.16 19.86 13.68
CA ASP D 22 -3.60 18.97 14.68
C ASP D 22 -3.44 17.57 14.10
N LYS D 23 -2.57 16.79 14.72
CA LYS D 23 -2.39 15.40 14.38
C LYS D 23 -3.45 14.58 15.08
N ILE D 24 -3.68 13.36 14.60
CA ILE D 24 -4.68 12.49 15.17
C ILE D 24 -4.23 11.93 16.51
N LEU D 25 -5.15 11.94 17.47
CA LEU D 25 -4.85 11.47 18.82
C LEU D 25 -5.03 9.97 18.96
N SER D 26 -6.13 9.43 18.45
CA SER D 26 -6.32 7.98 18.46
C SER D 26 -6.91 7.51 17.16
N TYR D 27 -6.58 6.29 16.81
CA TYR D 27 -7.05 5.63 15.59
C TYR D 27 -7.65 4.30 16.01
N THR D 28 -8.87 4.04 15.57
CA THR D 28 -9.57 2.80 15.90
C THR D 28 -10.07 2.19 14.60
N GLU D 29 -9.86 0.88 14.46
CA GLU D 29 -10.22 0.18 13.25
C GLU D 29 -10.91 -1.13 13.63
N SER D 30 -12.06 -1.41 12.99
CA SER D 30 -12.87 -2.56 13.31
C SER D 30 -13.18 -3.37 12.04
N MET D 31 -13.00 -4.68 12.12
CA MET D 31 -13.43 -5.60 11.08
C MET D 31 -14.65 -6.42 11.54
N ALA D 32 -15.31 -5.98 12.61
CA ALA D 32 -16.54 -6.62 13.07
C ALA D 32 -17.68 -6.40 12.06
N GLY D 33 -18.45 -7.46 11.82
CA GLY D 33 -19.55 -7.43 10.87
C GLY D 33 -20.52 -6.28 11.10
N LYS D 34 -20.73 -5.51 10.02
CA LYS D 34 -21.63 -4.36 9.99
C LYS D 34 -21.06 -3.14 10.73
N ARG D 35 -19.83 -3.28 11.24
CA ARG D 35 -19.12 -2.15 11.85
C ARG D 35 -17.71 -2.10 11.28
N GLU D 36 -17.61 -2.33 9.98
CA GLU D 36 -16.32 -2.27 9.31
C GLU D 36 -16.04 -0.81 9.07
N MET D 37 -15.35 -0.19 10.02
CA MET D 37 -15.22 1.24 10.03
C MET D 37 -13.95 1.68 10.72
N VAL D 38 -13.70 2.97 10.63
CA VAL D 38 -12.59 3.59 11.29
C VAL D 38 -13.14 4.76 12.08
N ILE D 39 -12.58 4.98 13.27
CA ILE D 39 -12.92 6.12 14.10
C ILE D 39 -11.63 6.82 14.48
N ILE D 40 -11.60 8.15 14.38
CA ILE D 40 -10.45 8.89 14.89
C ILE D 40 -10.89 9.90 15.93
N THR D 41 -9.98 10.26 16.83
CA THR D 41 -10.22 11.37 17.76
C THR D 41 -9.07 12.32 17.77
N PHE D 42 -9.35 13.52 18.29
CA PHE D 42 -8.35 14.56 18.49
C PHE D 42 -8.36 15.02 19.95
N LYS D 43 -7.26 15.63 20.39
CA LYS D 43 -7.15 16.07 21.78
C LYS D 43 -8.17 17.15 22.14
N SER D 44 -8.75 17.80 21.13
CA SER D 44 -9.86 18.72 21.30
C SER D 44 -11.08 18.05 21.94
N GLY D 45 -11.18 16.74 21.78
CA GLY D 45 -12.36 16.00 22.23
C GLY D 45 -13.19 15.49 21.06
N GLU D 46 -12.89 15.93 19.84
CA GLU D 46 -13.78 15.64 18.72
C GLU D 46 -13.50 14.23 18.19
N THR D 47 -14.57 13.58 17.76
CA THR D 47 -14.52 12.22 17.27
C THR D 47 -15.10 12.24 15.85
N PHE D 48 -14.50 11.49 14.94
CA PHE D 48 -15.02 11.40 13.58
C PHE D 48 -14.94 9.94 13.12
N GLN D 49 -15.76 9.57 12.15
CA GLN D 49 -15.76 8.23 11.59
C GLN D 49 -15.69 8.23 10.06
N VAL D 50 -15.16 7.15 9.50
CA VAL D 50 -15.47 6.80 8.13
C VAL D 50 -16.55 5.73 8.22
N GLU D 51 -17.72 6.02 7.67
CA GLU D 51 -18.86 5.13 7.79
C GLU D 51 -18.65 3.76 7.11
N VAL D 52 -19.33 2.76 7.66
CA VAL D 52 -19.47 1.47 7.01
C VAL D 52 -20.12 1.71 5.64
N PRO D 53 -19.56 1.12 4.58
CA PRO D 53 -20.17 1.15 3.25
C PRO D 53 -21.64 0.75 3.31
N GLY D 54 -22.49 1.52 2.66
CA GLY D 54 -23.93 1.30 2.75
C GLY D 54 -24.71 1.89 1.58
N SER D 55 -26.02 1.83 1.74
CA SER D 55 -26.96 2.20 0.69
C SER D 55 -26.87 3.66 0.32
N GLN D 56 -26.45 4.47 1.26
CA GLN D 56 -26.25 5.89 1.01
C GLN D 56 -25.09 6.16 0.01
N HIS D 57 -24.18 5.21 -0.11
CA HIS D 57 -23.02 5.39 -1.00
C HIS D 57 -23.27 4.94 -2.43
N ILE D 58 -22.81 5.73 -3.39
CA ILE D 58 -22.80 5.30 -4.78
C ILE D 58 -21.53 4.52 -5.07
N ASP D 59 -21.53 3.76 -6.17
CA ASP D 59 -20.40 2.88 -6.50
C ASP D 59 -19.05 3.57 -6.55
N SER D 60 -19.00 4.77 -7.10
CA SER D 60 -17.74 5.51 -7.20
C SER D 60 -17.16 5.79 -5.81
N GLN D 61 -18.00 5.74 -4.78
CA GLN D 61 -17.54 6.04 -3.43
C GLN D 61 -16.88 4.87 -2.72
N LYS D 62 -17.06 3.65 -3.23
CA LYS D 62 -16.54 2.47 -2.54
C LYS D 62 -15.02 2.51 -2.42
N LYS D 63 -14.34 2.73 -3.55
CA LYS D 63 -12.89 2.83 -3.55
C LYS D 63 -12.44 4.03 -2.75
N ALA D 64 -13.17 5.14 -2.87
CA ALA D 64 -12.84 6.34 -2.13
C ALA D 64 -12.89 6.11 -0.62
N ILE D 65 -13.88 5.33 -0.15
CA ILE D 65 -13.98 5.03 1.27
C ILE D 65 -12.77 4.25 1.74
N GLU D 66 -12.33 3.28 0.92
CA GLU D 66 -11.16 2.50 1.29
C GLU D 66 -9.91 3.37 1.34
N ARG D 67 -9.80 4.31 0.40
CA ARG D 67 -8.65 5.19 0.35
C ARG D 67 -8.60 6.11 1.56
N MET D 68 -9.77 6.59 1.98
CA MET D 68 -9.85 7.52 3.10
C MET D 68 -9.39 6.80 4.38
N LYS D 69 -9.77 5.54 4.55
CA LYS D 69 -9.27 4.80 5.71
C LYS D 69 -7.76 4.59 5.61
N ASP D 70 -7.29 4.24 4.42
CA ASP D 70 -5.86 4.16 4.17
C ASP D 70 -5.17 5.46 4.62
N THR D 71 -5.72 6.57 4.16
CA THR D 71 -5.16 7.89 4.46
C THR D 71 -5.10 8.19 5.95
N LEU D 72 -6.18 7.88 6.66
CA LEU D 72 -6.24 8.20 8.10
C LEU D 72 -5.23 7.39 8.90
N ARG D 73 -5.04 6.14 8.52
CA ARG D 73 -4.06 5.28 9.16
C ARG D 73 -2.64 5.82 8.98
N ILE D 74 -2.26 6.14 7.74
CA ILE D 74 -0.89 6.59 7.54
C ILE D 74 -0.69 8.01 8.12
N THR D 75 -1.75 8.80 8.15
CA THR D 75 -1.70 10.13 8.73
C THR D 75 -1.48 10.02 10.23
N TYR D 76 -2.18 9.08 10.86
CA TYR D 76 -1.97 8.82 12.28
C TYR D 76 -0.56 8.32 12.57
N LEU D 77 -0.07 7.36 11.77
CA LEU D 77 1.23 6.74 12.06
C LEU D 77 2.41 7.71 11.87
N THR D 78 2.26 8.65 10.93
CA THR D 78 3.31 9.59 10.64
C THR D 78 3.14 10.90 11.39
N GLU D 79 2.15 10.96 12.27
CA GLU D 79 1.86 12.17 13.03
C GLU D 79 1.69 13.40 12.15
N THR D 80 1.02 13.21 11.02
CA THR D 80 0.79 14.30 10.08
C THR D 80 -0.36 15.18 10.55
N LYS D 81 -0.12 16.49 10.47
CA LYS D 81 -1.10 17.49 10.88
C LYS D 81 -2.26 17.60 9.88
N ILE D 82 -3.48 17.39 10.35
CA ILE D 82 -4.65 17.61 9.52
C ILE D 82 -5.03 19.09 9.63
N ASP D 83 -5.42 19.68 8.50
CA ASP D 83 -5.86 21.07 8.43
C ASP D 83 -7.36 21.13 8.68
N LYS D 84 -8.16 20.65 7.70
CA LYS D 84 -9.60 20.64 7.83
C LYS D 84 -10.23 19.28 7.53
N LEU D 85 -11.40 19.07 8.11
CA LEU D 85 -12.27 17.99 7.70
C LEU D 85 -13.60 18.55 7.23
N CYS D 86 -14.08 18.05 6.10
CA CYS D 86 -15.45 18.24 5.70
C CYS D 86 -16.21 17.02 6.19
N VAL D 87 -17.20 17.26 7.03
CA VAL D 87 -17.94 16.15 7.63
C VAL D 87 -19.43 16.30 7.47
N TRP D 88 -20.10 15.17 7.33
CA TRP D 88 -21.55 15.11 7.42
C TRP D 88 -21.92 15.08 8.90
N ASN D 89 -22.71 16.05 9.33
CA ASN D 89 -23.09 16.17 10.73
C ASN D 89 -24.46 15.53 11.04
N ASN D 90 -25.02 14.81 10.07
CA ASN D 90 -26.27 14.07 10.31
C ASN D 90 -25.98 12.63 10.72
N LYS D 91 -24.76 12.42 11.22
CA LYS D 91 -24.32 11.12 11.72
C LYS D 91 -23.54 11.33 13.03
N THR D 92 -23.51 10.31 13.87
CA THR D 92 -22.76 10.34 15.13
C THR D 92 -21.90 9.09 15.23
N PRO D 93 -20.59 9.27 15.35
CA PRO D 93 -19.96 10.58 15.29
C PRO D 93 -20.01 11.13 13.86
N ASN D 94 -19.69 12.41 13.72
CA ASN D 94 -19.72 13.05 12.41
C ASN D 94 -18.93 12.21 11.38
N SER D 95 -19.42 12.18 10.16
CA SER D 95 -18.88 11.32 9.13
C SER D 95 -17.97 12.07 8.16
N ILE D 96 -16.79 11.52 7.89
CA ILE D 96 -15.82 12.20 7.04
C ILE D 96 -16.16 12.13 5.55
N ALA D 97 -16.22 13.31 4.94
CA ALA D 97 -16.43 13.48 3.51
C ALA D 97 -15.12 13.82 2.76
N ALA D 98 -14.30 14.65 3.39
CA ALA D 98 -13.03 15.02 2.80
C ALA D 98 -12.08 15.51 3.88
N ILE D 99 -10.81 15.56 3.52
CA ILE D 99 -9.73 15.88 4.44
C ILE D 99 -8.72 16.74 3.69
N SER D 100 -8.12 17.69 4.40
CA SER D 100 -7.03 18.46 3.85
C SER D 100 -5.92 18.49 4.87
N MET D 101 -4.69 18.51 4.36
CA MET D 101 -3.49 18.55 5.17
C MET D 101 -2.54 19.61 4.64
N LYS D 102 -1.82 20.21 5.56
CA LYS D 102 -0.94 21.33 5.25
C LYS D 102 0.08 21.41 6.38
N ASN D 103 1.36 21.57 6.01
CA ASN D 103 2.48 21.80 6.93
C ASN D 103 3.38 20.57 7.22
N ALA E 1 8.57 4.36 -26.83
CA ALA E 1 7.82 5.12 -25.79
C ALA E 1 8.62 6.35 -25.42
N PRO E 2 7.94 7.36 -24.87
CA PRO E 2 8.64 8.57 -24.41
C PRO E 2 9.61 8.28 -23.27
N GLN E 3 10.65 9.10 -23.15
CA GLN E 3 11.75 8.85 -22.22
C GLN E 3 11.74 9.88 -21.11
N THR E 4 10.83 10.83 -21.22
CA THR E 4 10.87 12.01 -20.42
C THR E 4 9.42 12.48 -20.22
N ILE E 5 9.13 13.21 -19.14
CA ILE E 5 7.79 13.76 -18.95
C ILE E 5 7.43 14.77 -20.07
N THR E 6 8.41 15.57 -20.49
CA THR E 6 8.18 16.53 -21.56
C THR E 6 7.79 15.86 -22.88
N GLU E 7 8.46 14.75 -23.19
CA GLU E 7 8.14 13.99 -24.40
C GLU E 7 6.71 13.45 -24.31
N LEU E 8 6.42 12.75 -23.22
CA LEU E 8 5.10 12.18 -23.00
C LEU E 8 4.00 13.22 -23.12
N CYS E 9 4.16 14.33 -22.39
CA CYS E 9 3.20 15.45 -22.41
C CYS E 9 2.90 16.02 -23.82
N SER E 10 3.93 16.08 -24.66
CA SER E 10 3.80 16.66 -26.01
C SER E 10 2.93 15.78 -26.93
N GLU E 11 2.66 14.56 -26.51
CA GLU E 11 1.85 13.65 -27.31
C GLU E 11 0.37 14.01 -27.28
N TYR E 12 0.00 14.89 -26.35
CA TYR E 12 -1.41 15.19 -26.08
C TYR E 12 -1.85 16.65 -26.35
N ARG E 13 -3.09 16.76 -26.79
CA ARG E 13 -3.82 18.02 -26.88
C ARG E 13 -4.09 18.62 -25.51
N ASN E 14 -4.12 19.95 -25.45
CA ASN E 14 -4.53 20.67 -24.26
C ASN E 14 -3.70 20.28 -23.05
N THR E 15 -2.39 20.13 -23.23
CA THR E 15 -1.51 19.96 -22.09
C THR E 15 -0.44 21.02 -22.04
N GLN E 16 0.18 21.10 -20.89
CA GLN E 16 1.41 21.86 -20.74
C GLN E 16 2.15 21.33 -19.53
N ILE E 17 3.43 21.67 -19.46
CA ILE E 17 4.30 21.27 -18.40
C ILE E 17 4.37 22.43 -17.44
N TYR E 18 4.12 22.16 -16.16
CA TYR E 18 4.42 23.13 -15.12
C TYR E 18 5.69 22.64 -14.46
N THR E 19 6.70 23.50 -14.38
CA THR E 19 7.91 23.19 -13.62
C THR E 19 7.67 23.63 -12.19
N ILE E 20 7.75 22.68 -11.25
CA ILE E 20 7.43 22.96 -9.84
C ILE E 20 8.68 23.13 -8.97
N ASN E 21 9.59 22.15 -9.02
CA ASN E 21 10.76 22.12 -8.15
C ASN E 21 10.44 22.44 -6.70
N ASP E 22 9.40 21.77 -6.19
CA ASP E 22 8.96 21.98 -4.83
C ASP E 22 8.11 20.82 -4.33
N LYS E 23 8.03 20.70 -3.02
CA LYS E 23 7.09 19.78 -2.37
C LYS E 23 5.66 20.31 -2.47
N ILE E 24 4.69 19.43 -2.25
CA ILE E 24 3.28 19.80 -2.21
C ILE E 24 2.99 20.55 -0.91
N LEU E 25 2.36 21.72 -1.03
CA LEU E 25 1.98 22.56 0.12
C LEU E 25 0.78 22.02 0.89
N SER E 26 -0.26 21.61 0.15
CA SER E 26 -1.48 21.08 0.75
C SER E 26 -2.00 19.92 -0.09
N TYR E 27 -2.58 18.95 0.60
CA TYR E 27 -3.20 17.78 -0.02
C TYR E 27 -4.64 17.68 0.45
N THR E 28 -5.56 17.55 -0.49
CA THR E 28 -6.98 17.45 -0.18
C THR E 28 -7.55 16.20 -0.84
N GLU E 29 -8.27 15.41 -0.04
CA GLU E 29 -8.83 14.18 -0.55
C GLU E 29 -10.31 14.11 -0.22
N SER E 30 -11.13 13.77 -1.22
CA SER E 30 -12.58 13.72 -1.06
C SER E 30 -13.13 12.37 -1.49
N MET E 31 -14.00 11.83 -0.64
CA MET E 31 -14.78 10.64 -0.93
C MET E 31 -16.25 11.02 -1.12
N ALA E 32 -16.51 12.32 -1.26
CA ALA E 32 -17.87 12.79 -1.49
C ALA E 32 -18.35 12.40 -2.89
N GLY E 33 -19.60 11.93 -2.99
CA GLY E 33 -20.17 11.46 -4.23
C GLY E 33 -20.07 12.46 -5.37
N LYS E 34 -19.59 11.96 -6.51
CA LYS E 34 -19.33 12.75 -7.71
C LYS E 34 -18.15 13.70 -7.53
N ARG E 35 -17.49 13.65 -6.38
CA ARG E 35 -16.29 14.46 -6.14
C ARG E 35 -15.18 13.62 -5.53
N GLU E 36 -15.05 12.39 -6.02
CA GLU E 36 -14.01 11.48 -5.53
C GLU E 36 -12.71 11.89 -6.21
N MET E 37 -11.96 12.74 -5.52
CA MET E 37 -10.85 13.43 -6.16
C MET E 37 -9.79 13.85 -5.16
N VAL E 38 -8.62 14.22 -5.70
CA VAL E 38 -7.54 14.80 -4.93
C VAL E 38 -7.25 16.18 -5.51
N ILE E 39 -6.94 17.13 -4.62
CA ILE E 39 -6.48 18.44 -5.01
C ILE E 39 -5.18 18.76 -4.26
N ILE E 40 -4.18 19.22 -5.00
CA ILE E 40 -2.91 19.68 -4.41
C ILE E 40 -2.66 21.13 -4.74
N THR E 41 -1.96 21.83 -3.87
CA THR E 41 -1.55 23.21 -4.16
C THR E 41 -0.07 23.34 -3.84
N PHE E 42 0.52 24.44 -4.33
CA PHE E 42 1.92 24.73 -4.09
C PHE E 42 2.07 26.16 -3.56
N LYS E 43 3.16 26.42 -2.85
CA LYS E 43 3.48 27.76 -2.37
C LYS E 43 3.41 28.79 -3.51
N SER E 44 3.68 28.33 -4.74
CA SER E 44 3.58 29.15 -5.93
C SER E 44 2.18 29.70 -6.16
N GLY E 45 1.19 29.12 -5.49
CA GLY E 45 -0.21 29.49 -5.68
C GLY E 45 -0.96 28.58 -6.65
N GLU E 46 -0.25 27.69 -7.31
CA GLU E 46 -0.88 26.82 -8.31
C GLU E 46 -1.67 25.69 -7.65
N THR E 47 -2.79 25.35 -8.28
CA THR E 47 -3.67 24.32 -7.77
C THR E 47 -3.93 23.29 -8.87
N PHE E 48 -3.83 22.01 -8.53
CA PHE E 48 -4.10 20.94 -9.49
C PHE E 48 -5.02 19.87 -8.91
N GLN E 49 -5.68 19.13 -9.78
CA GLN E 49 -6.52 18.02 -9.39
C GLN E 49 -6.10 16.74 -10.09
N VAL E 50 -6.48 15.61 -9.49
CA VAL E 50 -6.68 14.37 -10.23
C VAL E 50 -8.17 14.28 -10.36
N GLU E 51 -8.66 14.26 -11.60
CA GLU E 51 -10.09 14.27 -11.85
C GLU E 51 -10.81 13.03 -11.32
N VAL E 52 -12.10 13.21 -11.04
CA VAL E 52 -13.03 12.12 -10.82
C VAL E 52 -13.02 11.23 -12.06
N PRO E 53 -13.01 9.92 -11.90
CA PRO E 53 -13.07 9.02 -13.06
C PRO E 53 -14.38 9.25 -13.78
N GLY E 54 -14.33 9.43 -15.09
CA GLY E 54 -15.53 9.65 -15.88
C GLY E 54 -15.45 9.10 -17.29
N SER E 55 -16.40 9.52 -18.12
CA SER E 55 -16.50 9.06 -19.50
C SER E 55 -15.36 9.56 -20.40
N GLN E 56 -14.62 10.56 -19.95
CA GLN E 56 -13.46 11.03 -20.73
C GLN E 56 -12.28 10.07 -20.58
N HIS E 57 -12.35 9.19 -19.59
CA HIS E 57 -11.27 8.24 -19.34
C HIS E 57 -11.51 6.91 -20.05
N ILE E 58 -10.45 6.33 -20.62
CA ILE E 58 -10.47 4.96 -21.10
C ILE E 58 -10.18 4.02 -19.95
N ASP E 59 -10.55 2.77 -20.14
CA ASP E 59 -10.44 1.74 -19.11
C ASP E 59 -9.08 1.61 -18.44
N SER E 60 -8.02 1.66 -19.24
CA SER E 60 -6.68 1.47 -18.74
C SER E 60 -6.26 2.62 -17.84
N GLN E 61 -6.99 3.73 -17.88
CA GLN E 61 -6.68 4.89 -17.04
C GLN E 61 -7.22 4.76 -15.61
N LYS E 62 -8.21 3.88 -15.43
CA LYS E 62 -8.89 3.75 -14.15
C LYS E 62 -7.88 3.39 -13.05
N LYS E 63 -7.09 2.35 -13.26
CA LYS E 63 -6.07 1.93 -12.29
C LYS E 63 -4.97 2.99 -12.16
N ALA E 64 -4.68 3.70 -13.24
CA ALA E 64 -3.63 4.71 -13.25
C ALA E 64 -4.04 5.97 -12.48
N ILE E 65 -5.32 6.32 -12.52
CA ILE E 65 -5.88 7.39 -11.68
C ILE E 65 -5.73 7.06 -10.20
N GLU E 66 -6.00 5.82 -9.83
CA GLU E 66 -5.88 5.42 -8.44
C GLU E 66 -4.41 5.44 -8.00
N ARG E 67 -3.50 5.05 -8.88
CA ARG E 67 -2.06 5.07 -8.56
C ARG E 67 -1.59 6.50 -8.35
N MET E 68 -2.04 7.40 -9.22
CA MET E 68 -1.60 8.78 -9.15
C MET E 68 -2.03 9.44 -7.85
N LYS E 69 -3.26 9.18 -7.42
CA LYS E 69 -3.70 9.62 -6.11
C LYS E 69 -2.86 9.03 -4.96
N ASP E 70 -2.50 7.75 -5.05
CA ASP E 70 -1.57 7.15 -4.10
C ASP E 70 -0.22 7.87 -4.07
N THR E 71 0.29 8.17 -5.26
CA THR E 71 1.56 8.84 -5.41
C THR E 71 1.53 10.23 -4.81
N LEU E 72 0.43 10.94 -5.02
CA LEU E 72 0.35 12.32 -4.53
C LEU E 72 0.33 12.32 -2.99
N ARG E 73 -0.40 11.38 -2.38
CA ARG E 73 -0.45 11.27 -0.92
C ARG E 73 0.92 10.98 -0.31
N ILE E 74 1.60 9.95 -0.81
CA ILE E 74 2.92 9.60 -0.24
C ILE E 74 3.97 10.69 -0.52
N THR E 75 3.87 11.31 -1.68
CA THR E 75 4.76 12.43 -2.02
C THR E 75 4.54 13.59 -1.06
N TYR E 76 3.28 13.87 -0.76
CA TYR E 76 2.92 14.90 0.23
C TYR E 76 3.50 14.54 1.60
N LEU E 77 3.22 13.31 2.04
CA LEU E 77 3.56 12.91 3.42
C LEU E 77 5.06 12.88 3.67
N THR E 78 5.84 12.51 2.65
CA THR E 78 7.28 12.48 2.75
C THR E 78 7.90 13.81 2.35
N GLU E 79 7.08 14.77 1.96
CA GLU E 79 7.55 16.10 1.59
C GLU E 79 8.58 16.04 0.47
N THR E 80 8.26 15.20 -0.50
CA THR E 80 9.11 14.98 -1.64
C THR E 80 8.97 16.08 -2.69
N LYS E 81 10.12 16.53 -3.19
CA LYS E 81 10.20 17.52 -4.27
C LYS E 81 9.68 16.98 -5.58
N ILE E 82 8.60 17.58 -6.07
CA ILE E 82 8.11 17.32 -7.42
C ILE E 82 8.94 18.14 -8.39
N ASP E 83 9.32 17.53 -9.50
CA ASP E 83 10.08 18.22 -10.52
C ASP E 83 9.11 18.94 -11.42
N LYS E 84 8.40 18.20 -12.26
CA LYS E 84 7.43 18.77 -13.18
C LYS E 84 6.07 18.05 -13.07
N LEU E 85 5.03 18.70 -13.57
CA LEU E 85 3.75 18.05 -13.80
C LEU E 85 3.31 18.28 -15.23
N CYS E 86 2.83 17.23 -15.88
CA CYS E 86 2.11 17.38 -17.12
C CYS E 86 0.63 17.44 -16.80
N VAL E 87 -0.03 18.54 -17.18
CA VAL E 87 -1.43 18.73 -16.85
C VAL E 87 -2.25 19.08 -18.08
N TRP E 88 -3.51 18.65 -18.10
CA TRP E 88 -4.46 19.14 -19.08
C TRP E 88 -4.92 20.53 -18.62
N ASN E 89 -4.83 21.52 -19.49
CA ASN E 89 -5.15 22.90 -19.12
C ASN E 89 -6.56 23.30 -19.56
N ASN E 90 -7.37 22.31 -19.94
CA ASN E 90 -8.77 22.55 -20.31
C ASN E 90 -9.70 22.19 -19.15
N LYS E 91 -9.17 22.23 -17.93
CA LYS E 91 -9.97 21.95 -16.73
C LYS E 91 -9.60 22.92 -15.62
N THR E 92 -10.52 23.10 -14.69
CA THR E 92 -10.30 23.91 -13.49
C THR E 92 -10.61 23.09 -12.24
N PRO E 93 -9.63 22.88 -11.37
CA PRO E 93 -8.23 23.27 -11.62
C PRO E 93 -7.63 22.41 -12.73
N ASN E 94 -6.45 22.78 -13.23
CA ASN E 94 -5.78 21.98 -14.25
C ASN E 94 -5.65 20.52 -13.75
N SER E 95 -5.74 19.58 -14.68
CA SER E 95 -5.84 18.15 -14.36
C SER E 95 -4.53 17.43 -14.61
N ILE E 96 -4.04 16.72 -13.59
CA ILE E 96 -2.75 16.02 -13.68
C ILE E 96 -2.79 14.81 -14.65
N ALA E 97 -1.89 14.84 -15.64
CA ALA E 97 -1.66 13.72 -16.56
C ALA E 97 -0.42 12.90 -16.20
N ALA E 98 0.59 13.55 -15.65
CA ALA E 98 1.82 12.88 -15.29
C ALA E 98 2.61 13.73 -14.34
N ILE E 99 3.52 13.08 -13.61
CA ILE E 99 4.30 13.72 -12.57
C ILE E 99 5.72 13.21 -12.68
N SER E 100 6.69 14.07 -12.39
CA SER E 100 8.08 13.64 -12.28
C SER E 100 8.72 14.21 -11.03
N MET E 101 9.63 13.45 -10.46
CA MET E 101 10.34 13.83 -9.23
C MET E 101 11.81 13.50 -9.42
N LYS E 102 12.69 14.42 -9.01
CA LYS E 102 14.13 14.23 -9.12
C LYS E 102 14.89 14.79 -7.91
N ASN E 103 16.07 14.24 -7.64
CA ASN E 103 16.96 14.80 -6.61
C ASN E 103 18.13 15.46 -7.28
#